data_8QNA
#
_entry.id   8QNA
#
_cell.length_a   88.250
_cell.length_b   90.330
_cell.length_c   49.170
_cell.angle_alpha   90.000
_cell.angle_beta   90.000
_cell.angle_gamma   90.000
#
_symmetry.space_group_name_H-M   'P 21 21 2'
#
loop_
_entity.id
_entity.type
_entity.pdbx_description
1 polymer '12-oxophytodienoate reductase 3'
2 non-polymer 'FLAVIN MONONUCLEOTIDE'
3 non-polymer 'NADP NICOTINAMIDE-ADENINE-DINUCLEOTIDE PHOSPHATE'
4 non-polymer 'SULFATE ION'
5 water water
#
_entity_poly.entity_id   1
_entity_poly.type   'polypeptide(L)'
_entity_poly.pdbx_seq_one_letter_code
;HHHHHHMASSAQDGNNPLFSPYKMGKFNLSHRVVLAPMTRCRALNNIPQAALGEYYEQRATAGGFLITEGTMISPTSAGF
PHVPGIFTKEQVREWKKIVDVVHAKGAVIFCQLWHVGRASHEVYQPAGAAPISSTEKPISNRWRILMPDGTHGIYPKPRA
IGTYEISQVVEDYRRSALNAIEAGFDGIEIHGAHGYLIDQFLKDGINDRTDEYGGSLANRCKFITQVVQAVVSAIGADRV
GVRVSPAIDHLDAMDSNPLSLGLAVVERLNKIQLHSGSKLAYLHVTQPRYVAYGQTEAGRLGSEEEEARLMRTLRNAYQG
TFICSGGYTRELGIEAVAQGDADLVSYGRLFISNPDLVMRIKLNAPLNKYNAKTFYTQDPVVGYTDYPFLQGNGSNGPLS
RL
;
_entity_poly.pdbx_strand_id   A
#
loop_
_chem_comp.id
_chem_comp.type
_chem_comp.name
_chem_comp.formula
FMN non-polymer 'FLAVIN MONONUCLEOTIDE' 'C17 H21 N4 O9 P'
NAP non-polymer 'NADP NICOTINAMIDE-ADENINE-DINUCLEOTIDE PHOSPHATE' 'C21 H28 N7 O17 P3'
SO4 non-polymer 'SULFATE ION' 'O4 S -2'
#
# COMPACT_ATOMS: atom_id res chain seq x y z
N ASN A 16 -20.03 7.72 17.97
CA ASN A 16 -18.66 7.59 17.47
C ASN A 16 -18.69 7.53 15.95
N PRO A 17 -18.16 8.57 15.29
CA PRO A 17 -18.21 8.62 13.82
C PRO A 17 -17.43 7.52 13.15
N LEU A 18 -16.50 6.86 13.84
CA LEU A 18 -15.81 5.74 13.22
C LEU A 18 -16.73 4.56 12.99
N PHE A 19 -17.89 4.53 13.62
CA PHE A 19 -18.83 3.43 13.47
C PHE A 19 -20.10 3.89 12.78
N SER A 20 -20.01 4.99 12.03
CA SER A 20 -21.11 5.14 11.11
C SER A 20 -20.78 4.42 9.81
N PRO A 21 -21.78 3.78 9.20
CA PRO A 21 -21.53 3.02 7.98
C PRO A 21 -21.07 3.93 6.85
N TYR A 22 -20.38 3.33 5.88
CA TYR A 22 -19.83 4.09 4.77
C TYR A 22 -19.94 3.25 3.51
N LYS A 23 -20.41 3.88 2.43
CA LYS A 23 -20.52 3.22 1.13
C LYS A 23 -19.27 3.53 0.32
N MET A 24 -18.31 2.57 0.29
CA MET A 24 -17.15 2.61 -0.60
C MET A 24 -17.52 2.09 -1.98
N GLY A 25 -18.25 2.92 -2.73
CA GLY A 25 -18.65 2.49 -4.06
C GLY A 25 -19.43 1.20 -4.01
N LYS A 26 -18.86 0.11 -4.53
CA LYS A 26 -19.56 -1.17 -4.53
C LYS A 26 -19.67 -1.78 -3.14
N PHE A 27 -18.89 -1.31 -2.18
CA PHE A 27 -18.69 -2.01 -0.91
C PHE A 27 -19.39 -1.28 0.23
N ASN A 28 -20.24 -2.00 0.96
CA ASN A 28 -20.97 -1.44 2.11
C ASN A 28 -20.15 -1.73 3.37
N LEU A 29 -19.47 -0.71 3.89
CA LEU A 29 -18.68 -0.88 5.11
C LEU A 29 -19.52 -0.52 6.33
N SER A 30 -19.32 -1.26 7.41
CA SER A 30 -20.07 -1.02 8.64
C SER A 30 -19.35 -0.06 9.59
N HIS A 31 -18.06 0.17 9.37
CA HIS A 31 -17.27 1.09 10.19
C HIS A 31 -16.08 1.55 9.37
N ARG A 32 -15.34 2.51 9.92
CA ARG A 32 -14.34 3.23 9.15
C ARG A 32 -12.91 2.92 9.57
N VAL A 33 -12.72 1.88 10.39
CA VAL A 33 -11.39 1.49 10.86
C VAL A 33 -10.83 0.49 9.85
N VAL A 34 -9.74 0.87 9.20
CA VAL A 34 -9.15 0.09 8.10
C VAL A 34 -7.82 -0.50 8.56
N LEU A 35 -7.55 -1.75 8.18
CA LEU A 35 -6.22 -2.34 8.36
C LEU A 35 -5.28 -1.81 7.29
N ALA A 36 -4.30 -1.00 7.68
CA ALA A 36 -3.30 -0.50 6.76
C ALA A 36 -2.43 -1.64 6.22
N PRO A 37 -1.98 -1.55 4.97
CA PRO A 37 -1.08 -2.58 4.42
C PRO A 37 0.24 -2.63 5.17
N MET A 38 0.66 -3.84 5.59
CA MET A 38 1.87 -3.95 6.40
C MET A 38 2.66 -5.21 6.04
N THR A 39 3.85 -4.99 5.47
CA THR A 39 4.84 -6.04 5.27
C THR A 39 5.22 -6.69 6.59
N ARG A 40 5.09 -8.02 6.67
CA ARG A 40 5.46 -8.75 7.89
C ARG A 40 6.42 -9.91 7.65
N CYS A 41 6.65 -10.33 6.40
CA CYS A 41 7.73 -11.24 6.05
C CYS A 41 7.49 -12.67 6.56
N ARG A 42 6.22 -13.08 6.68
CA ARG A 42 5.92 -14.46 7.05
C ARG A 42 5.57 -15.33 5.84
N ALA A 43 5.55 -14.74 4.64
CA ALA A 43 5.16 -15.48 3.44
C ALA A 43 6.39 -16.16 2.86
N LEU A 44 6.78 -17.27 3.50
CA LEU A 44 8.06 -17.91 3.20
C LEU A 44 8.17 -18.27 1.72
N ASN A 45 9.32 -17.91 1.12
CA ASN A 45 9.62 -18.18 -0.29
C ASN A 45 8.62 -17.50 -1.21
N ASN A 46 8.06 -16.39 -0.75
CA ASN A 46 7.08 -15.56 -1.46
C ASN A 46 5.74 -16.26 -1.67
N ILE A 47 5.46 -17.32 -0.94
CA ILE A 47 4.19 -18.04 -1.02
C ILE A 47 3.38 -17.70 0.23
N PRO A 48 2.14 -17.22 0.09
CA PRO A 48 1.30 -17.03 1.27
C PRO A 48 1.18 -18.32 2.06
N GLN A 49 1.29 -18.20 3.38
CA GLN A 49 1.30 -19.34 4.28
C GLN A 49 0.06 -19.32 5.16
N ALA A 50 -0.21 -20.47 5.81
CA ALA A 50 -1.33 -20.58 6.72
C ALA A 50 -1.30 -19.51 7.82
N ALA A 51 -0.10 -19.11 8.24
CA ALA A 51 0.00 -18.08 9.27
C ALA A 51 -0.67 -16.78 8.81
N LEU A 52 -0.53 -16.43 7.54
CA LEU A 52 -1.20 -15.22 7.06
C LEU A 52 -2.71 -15.34 7.20
N GLY A 53 -3.26 -16.52 6.92
CA GLY A 53 -4.67 -16.74 7.12
C GLY A 53 -5.11 -16.50 8.55
N GLU A 54 -4.36 -17.04 9.51
CA GLU A 54 -4.68 -16.79 10.91
C GLU A 54 -4.62 -15.30 11.24
N TYR A 55 -3.57 -14.63 10.75
CA TYR A 55 -3.36 -13.22 11.06
C TYR A 55 -4.48 -12.34 10.51
N TYR A 56 -4.84 -12.51 9.23
CA TYR A 56 -5.89 -11.66 8.69
C TYR A 56 -7.25 -12.00 9.25
N GLU A 57 -7.50 -13.30 9.49
CA GLU A 57 -8.80 -13.66 10.08
C GLU A 57 -8.96 -13.04 11.47
N GLN A 58 -7.86 -12.98 12.25
CA GLN A 58 -7.91 -12.40 13.58
C GLN A 58 -8.37 -10.95 13.54
N ARG A 59 -7.98 -10.21 12.49
CA ARG A 59 -8.21 -8.78 12.38
C ARG A 59 -9.48 -8.44 11.61
N ALA A 60 -10.01 -9.40 10.86
CA ALA A 60 -11.20 -9.17 10.05
C ALA A 60 -12.43 -8.99 10.95
N THR A 61 -13.32 -8.09 10.52
CA THR A 61 -14.60 -7.84 11.18
C THR A 61 -15.69 -7.75 10.12
N ALA A 62 -16.93 -8.02 10.54
CA ALA A 62 -18.08 -7.91 9.65
C ALA A 62 -18.22 -6.48 9.12
N GLY A 63 -18.18 -6.32 7.80
CA GLY A 63 -18.24 -5.00 7.22
C GLY A 63 -17.00 -4.14 7.39
N GLY A 64 -15.89 -4.73 7.84
CA GLY A 64 -14.63 -4.01 7.93
C GLY A 64 -13.79 -4.20 6.68
N PHE A 65 -12.95 -3.20 6.42
CA PHE A 65 -12.08 -3.18 5.24
C PHE A 65 -10.63 -3.47 5.65
N LEU A 66 -9.99 -4.41 4.93
CA LEU A 66 -8.62 -4.83 5.18
C LEU A 66 -7.81 -4.66 3.91
N ILE A 67 -6.56 -4.22 4.04
CA ILE A 67 -5.63 -4.16 2.92
C ILE A 67 -4.45 -5.04 3.29
N THR A 68 -4.05 -5.92 2.37
CA THR A 68 -2.94 -6.83 2.67
C THR A 68 -1.61 -6.10 2.67
N GLU A 69 -0.62 -6.77 3.25
CA GLU A 69 0.77 -6.45 3.00
C GLU A 69 1.07 -6.29 1.52
N GLY A 70 2.07 -5.47 1.21
CA GLY A 70 2.54 -5.31 -0.16
C GLY A 70 2.86 -6.65 -0.79
N THR A 71 2.40 -6.88 -2.02
CA THR A 71 2.47 -8.20 -2.65
C THR A 71 3.19 -8.06 -3.98
N MET A 72 4.16 -8.95 -4.27
CA MET A 72 4.91 -8.76 -5.51
C MET A 72 4.09 -9.01 -6.77
N ILE A 73 4.40 -8.21 -7.79
CA ILE A 73 3.76 -8.32 -9.10
C ILE A 73 4.64 -9.05 -10.11
N SER A 74 5.88 -9.37 -9.75
CA SER A 74 6.82 -9.96 -10.70
C SER A 74 8.03 -10.45 -9.90
N PRO A 75 8.85 -11.31 -10.52
CA PRO A 75 10.06 -11.79 -9.83
C PRO A 75 11.06 -10.71 -9.44
N THR A 76 10.99 -9.51 -10.03
CA THR A 76 11.95 -8.45 -9.75
C THR A 76 11.43 -7.42 -8.77
N SER A 77 10.23 -7.61 -8.24
CA SER A 77 9.58 -6.51 -7.55
C SER A 77 9.81 -6.49 -6.04
N ALA A 78 10.57 -7.43 -5.46
CA ALA A 78 10.73 -7.50 -4.01
C ALA A 78 12.00 -6.84 -3.50
N GLY A 79 11.90 -6.24 -2.30
CA GLY A 79 13.06 -5.70 -1.59
C GLY A 79 13.01 -6.02 -0.10
N PHE A 80 12.24 -7.04 0.28
CA PHE A 80 12.12 -7.56 1.64
C PHE A 80 12.10 -9.08 1.56
N PRO A 81 12.52 -9.76 2.61
CA PRO A 81 12.48 -11.24 2.58
C PRO A 81 11.08 -11.77 2.82
N HIS A 82 10.73 -12.85 2.10
CA HIS A 82 9.54 -13.64 2.41
C HIS A 82 8.26 -12.79 2.40
N VAL A 83 8.17 -11.92 1.41
CA VAL A 83 6.93 -11.18 1.12
C VAL A 83 6.16 -11.98 0.09
N PRO A 84 4.83 -11.99 0.14
CA PRO A 84 4.06 -12.80 -0.80
C PRO A 84 4.09 -12.19 -2.19
N GLY A 85 3.91 -13.04 -3.19
CA GLY A 85 3.62 -12.59 -4.54
C GLY A 85 2.21 -12.98 -4.94
N ILE A 86 1.80 -12.46 -6.10
CA ILE A 86 0.54 -12.87 -6.69
C ILE A 86 0.74 -12.97 -8.21
N PHE A 87 1.96 -13.34 -8.62
CA PHE A 87 2.25 -13.51 -10.05
C PHE A 87 2.35 -14.98 -10.49
N THR A 88 2.26 -15.94 -9.58
CA THR A 88 2.26 -17.36 -9.94
C THR A 88 0.94 -18.00 -9.57
N LYS A 89 0.62 -19.10 -10.27
CA LYS A 89 -0.60 -19.85 -9.98
C LYS A 89 -0.59 -20.40 -8.58
N GLU A 90 0.57 -20.88 -8.10
CA GLU A 90 0.71 -21.34 -6.73
C GLU A 90 0.34 -20.25 -5.72
N GLN A 91 0.83 -19.03 -5.95
CA GLN A 91 0.51 -17.94 -5.03
C GLN A 91 -0.97 -17.64 -5.04
N VAL A 92 -1.61 -17.67 -6.22
CA VAL A 92 -3.05 -17.43 -6.30
C VAL A 92 -3.81 -18.47 -5.49
N ARG A 93 -3.46 -19.75 -5.63
CA ARG A 93 -4.15 -20.81 -4.89
C ARG A 93 -4.01 -20.61 -3.39
N GLU A 94 -2.82 -20.21 -2.91
CA GLU A 94 -2.65 -20.05 -1.47
C GLU A 94 -3.35 -18.79 -0.98
N TRP A 95 -3.37 -17.73 -1.79
CA TRP A 95 -4.09 -16.51 -1.41
C TRP A 95 -5.59 -16.79 -1.28
N LYS A 96 -6.13 -17.67 -2.12
CA LYS A 96 -7.56 -17.95 -2.07
C LYS A 96 -7.99 -18.48 -0.72
N LYS A 97 -7.12 -19.27 -0.06
CA LYS A 97 -7.48 -19.82 1.25
C LYS A 97 -7.55 -18.73 2.31
N ILE A 98 -6.73 -17.69 2.15
CA ILE A 98 -6.71 -16.58 3.09
C ILE A 98 -7.92 -15.67 2.86
N VAL A 99 -8.19 -15.33 1.60
CA VAL A 99 -9.37 -14.53 1.29
C VAL A 99 -10.63 -15.21 1.79
N ASP A 100 -10.70 -16.55 1.67
CA ASP A 100 -11.90 -17.25 2.10
C ASP A 100 -12.15 -17.10 3.60
N VAL A 101 -11.11 -17.21 4.43
CA VAL A 101 -11.35 -17.08 5.86
C VAL A 101 -11.68 -15.62 6.23
N VAL A 102 -11.17 -14.65 5.46
CA VAL A 102 -11.53 -13.26 5.72
C VAL A 102 -12.97 -12.98 5.31
N HIS A 103 -13.37 -13.47 4.14
CA HIS A 103 -14.77 -13.32 3.73
C HIS A 103 -15.73 -14.08 4.63
N ALA A 104 -15.28 -15.17 5.26
CA ALA A 104 -16.14 -15.88 6.20
C ALA A 104 -16.50 -15.00 7.40
N LYS A 105 -15.69 -13.99 7.68
CA LYS A 105 -16.00 -13.05 8.74
C LYS A 105 -16.79 -11.85 8.25
N GLY A 106 -17.07 -11.76 6.95
CA GLY A 106 -17.83 -10.64 6.43
C GLY A 106 -17.00 -9.40 6.15
N ALA A 107 -15.69 -9.52 6.09
CA ALA A 107 -14.81 -8.40 5.78
C ALA A 107 -14.64 -8.26 4.27
N VAL A 108 -14.23 -7.06 3.86
CA VAL A 108 -13.80 -6.74 2.50
C VAL A 108 -12.28 -6.66 2.50
N ILE A 109 -11.62 -7.21 1.48
CA ILE A 109 -10.16 -7.25 1.50
C ILE A 109 -9.60 -6.93 0.12
N PHE A 110 -8.65 -5.99 0.07
CA PHE A 110 -7.90 -5.63 -1.12
C PHE A 110 -6.47 -6.14 -1.00
N CYS A 111 -5.90 -6.55 -2.14
CA CYS A 111 -4.49 -6.93 -2.20
C CYS A 111 -3.66 -5.73 -2.65
N GLN A 112 -2.65 -5.35 -1.86
CA GLN A 112 -1.75 -4.27 -2.28
C GLN A 112 -0.69 -4.78 -3.24
N LEU A 113 -0.63 -4.20 -4.44
CA LEU A 113 0.36 -4.57 -5.46
C LEU A 113 1.58 -3.68 -5.32
N TRP A 114 2.75 -4.29 -5.12
CA TRP A 114 3.93 -3.55 -4.64
C TRP A 114 5.14 -3.92 -5.49
N HIS A 115 5.76 -2.90 -6.09
CA HIS A 115 7.06 -3.03 -6.73
C HIS A 115 8.03 -2.04 -6.08
N VAL A 116 9.16 -2.54 -5.56
CA VAL A 116 10.07 -1.69 -4.79
C VAL A 116 11.02 -0.87 -5.66
N GLY A 117 11.12 -1.17 -6.94
CA GLY A 117 12.08 -0.46 -7.77
C GLY A 117 13.49 -0.60 -7.22
N ARG A 118 14.17 0.55 -7.07
CA ARG A 118 15.56 0.55 -6.66
C ARG A 118 15.76 0.18 -5.19
N ALA A 119 14.68 0.11 -4.42
CA ALA A 119 14.79 -0.25 -3.01
C ALA A 119 14.87 -1.77 -2.85
N SER A 120 15.93 -2.34 -3.43
CA SER A 120 16.13 -3.78 -3.41
C SER A 120 17.63 -4.06 -3.28
N HIS A 121 18.02 -5.30 -3.54
CA HIS A 121 19.38 -5.78 -3.37
C HIS A 121 19.54 -6.99 -4.26
N GLU A 122 20.80 -7.27 -4.66
CA GLU A 122 21.07 -8.46 -5.46
C GLU A 122 20.50 -9.73 -4.83
N VAL A 123 20.49 -9.82 -3.49
CA VAL A 123 19.99 -11.04 -2.85
C VAL A 123 18.50 -11.26 -3.10
N TYR A 124 17.76 -10.21 -3.47
CA TYR A 124 16.33 -10.29 -3.73
C TYR A 124 16.00 -10.38 -5.21
N GLN A 125 17.01 -10.34 -6.09
CA GLN A 125 16.75 -10.22 -7.51
C GLN A 125 17.10 -11.51 -8.22
N PRO A 126 16.33 -11.90 -9.24
CA PRO A 126 16.69 -13.12 -9.98
C PRO A 126 18.07 -12.95 -10.60
N ALA A 127 18.87 -14.02 -10.52
CA ALA A 127 20.23 -14.04 -11.02
C ALA A 127 21.10 -12.95 -10.41
N GLY A 128 20.70 -12.39 -9.27
CA GLY A 128 21.48 -11.34 -8.65
C GLY A 128 21.61 -10.09 -9.50
N ALA A 129 20.63 -9.83 -10.36
CA ALA A 129 20.67 -8.67 -11.25
C ALA A 129 20.38 -7.40 -10.48
N ALA A 130 20.74 -6.27 -11.11
CA ALA A 130 20.47 -4.97 -10.51
C ALA A 130 18.96 -4.69 -10.46
N PRO A 131 18.47 -4.09 -9.39
CA PRO A 131 17.08 -3.62 -9.35
C PRO A 131 16.81 -2.60 -10.45
N ILE A 132 15.53 -2.41 -10.77
CA ILE A 132 15.13 -1.48 -11.83
C ILE A 132 14.58 -0.20 -11.22
N SER A 133 14.66 0.89 -11.98
CA SER A 133 14.17 2.17 -11.44
C SER A 133 13.93 3.15 -12.59
N SER A 134 13.41 4.32 -12.23
CA SER A 134 13.39 5.44 -13.17
C SER A 134 14.80 5.93 -13.47
N THR A 135 15.71 5.72 -12.54
CA THR A 135 17.00 6.38 -12.48
C THR A 135 18.10 5.32 -12.38
N GLU A 136 19.33 5.73 -12.66
CA GLU A 136 20.49 4.89 -12.35
C GLU A 136 21.15 5.25 -11.02
N LYS A 137 20.68 6.06 -10.24
CA LYS A 137 21.23 6.48 -8.95
C LYS A 137 20.71 5.59 -7.83
N PRO A 138 21.66 5.25 -6.99
CA PRO A 138 21.28 4.46 -5.81
C PRO A 138 20.62 5.32 -4.75
N ILE A 139 19.81 4.66 -3.91
CA ILE A 139 19.48 5.23 -2.61
C ILE A 139 20.79 5.47 -1.87
N SER A 140 20.88 6.60 -1.16
CA SER A 140 22.12 6.94 -0.47
C SER A 140 22.32 6.05 0.75
N ASN A 141 23.55 6.04 1.26
CA ASN A 141 23.82 5.20 2.43
C ASN A 141 23.25 5.78 3.73
N ARG A 142 22.49 6.87 3.66
CA ARG A 142 21.63 7.26 4.78
C ARG A 142 20.59 6.20 5.11
N TRP A 143 20.35 5.28 4.19
CA TRP A 143 19.34 4.25 4.34
C TRP A 143 20.00 2.89 4.14
N ARG A 144 19.51 1.88 4.86
CA ARG A 144 20.01 0.51 4.71
C ARG A 144 18.85 -0.45 4.54
N ILE A 145 19.09 -1.55 3.82
CA ILE A 145 18.05 -2.51 3.51
C ILE A 145 18.13 -3.69 4.46
N LEU A 146 16.98 -4.15 4.94
CA LEU A 146 16.91 -5.38 5.72
C LEU A 146 17.25 -6.58 4.82
N MET A 147 18.28 -7.32 5.19
CA MET A 147 18.77 -8.57 4.58
C MET A 147 18.01 -9.79 5.10
N PRO A 148 18.03 -10.90 4.35
CA PRO A 148 17.33 -12.10 4.82
C PRO A 148 17.87 -12.64 6.14
N ASP A 149 19.12 -12.36 6.49
CA ASP A 149 19.66 -12.85 7.75
C ASP A 149 19.44 -11.88 8.92
N GLY A 150 18.68 -10.81 8.70
CA GLY A 150 18.39 -9.88 9.75
C GLY A 150 19.40 -8.77 9.93
N THR A 151 20.48 -8.77 9.15
CA THR A 151 21.40 -7.64 9.16
C THR A 151 20.89 -6.57 8.22
N HIS A 152 21.62 -5.47 8.12
CA HIS A 152 21.26 -4.40 7.20
C HIS A 152 22.36 -4.21 6.19
N GLY A 153 21.97 -4.14 4.91
CA GLY A 153 22.90 -4.03 3.82
C GLY A 153 22.78 -2.71 3.07
N ILE A 154 23.55 -2.61 2.00
CA ILE A 154 23.65 -1.41 1.20
C ILE A 154 22.78 -1.53 -0.04
N TYR A 155 21.98 -0.50 -0.29
CA TYR A 155 21.21 -0.42 -1.53
C TYR A 155 22.17 -0.26 -2.71
N PRO A 156 22.03 -1.06 -3.76
CA PRO A 156 22.92 -0.98 -4.91
C PRO A 156 22.46 0.05 -5.94
N LYS A 157 23.31 0.28 -6.93
CA LYS A 157 22.96 1.09 -8.09
C LYS A 157 21.89 0.38 -8.91
N PRO A 158 20.77 1.03 -9.22
CA PRO A 158 19.74 0.39 -10.05
C PRO A 158 20.02 0.58 -11.53
N ARG A 159 19.22 -0.08 -12.34
CA ARG A 159 19.24 0.08 -13.78
C ARG A 159 18.02 0.90 -14.20
N ALA A 160 18.25 1.95 -14.99
CA ALA A 160 17.15 2.78 -15.46
C ALA A 160 16.49 2.14 -16.66
N ILE A 161 15.18 1.97 -16.61
CA ILE A 161 14.48 1.20 -17.64
C ILE A 161 13.97 2.12 -18.75
N GLY A 162 13.90 1.56 -19.96
CA GLY A 162 13.32 2.26 -21.08
C GLY A 162 11.80 2.12 -21.13
N THR A 163 11.21 2.74 -22.16
CA THR A 163 9.74 2.81 -22.20
C THR A 163 9.10 1.47 -22.56
N TYR A 164 9.77 0.62 -23.36
CA TYR A 164 9.26 -0.74 -23.53
C TYR A 164 9.18 -1.45 -22.18
N GLU A 165 10.27 -1.42 -21.42
CA GLU A 165 10.27 -2.07 -20.11
C GLU A 165 9.24 -1.48 -19.17
N ILE A 166 9.08 -0.15 -19.18
CA ILE A 166 8.01 0.47 -18.40
C ILE A 166 6.66 -0.14 -18.76
N SER A 167 6.39 -0.28 -20.07
CA SER A 167 5.12 -0.86 -20.48
C SER A 167 4.97 -2.30 -20.01
N GLN A 168 6.09 -3.04 -19.87
CA GLN A 168 5.98 -4.41 -19.37
C GLN A 168 5.76 -4.44 -17.86
N VAL A 169 6.30 -3.48 -17.11
CA VAL A 169 5.97 -3.41 -15.68
C VAL A 169 4.48 -3.09 -15.51
N VAL A 170 3.96 -2.17 -16.33
CA VAL A 170 2.53 -1.89 -16.29
C VAL A 170 1.73 -3.17 -16.55
N GLU A 171 2.18 -3.98 -17.52
CA GLU A 171 1.51 -5.24 -17.76
C GLU A 171 1.59 -6.19 -16.56
N ASP A 172 2.69 -6.13 -15.79
CA ASP A 172 2.77 -6.95 -14.58
C ASP A 172 1.74 -6.51 -13.55
N TYR A 173 1.51 -5.19 -13.42
CA TYR A 173 0.43 -4.74 -12.55
C TYR A 173 -0.92 -5.24 -13.04
N ARG A 174 -1.15 -5.15 -14.35
CA ARG A 174 -2.41 -5.60 -14.93
C ARG A 174 -2.65 -7.08 -14.67
N ARG A 175 -1.64 -7.92 -14.93
CA ARG A 175 -1.79 -9.36 -14.73
C ARG A 175 -1.97 -9.68 -13.25
N SER A 176 -1.25 -8.97 -12.38
CA SER A 176 -1.41 -9.26 -10.95
C SER A 176 -2.79 -8.86 -10.46
N ALA A 177 -3.34 -7.77 -11.00
CA ALA A 177 -4.69 -7.37 -10.61
C ALA A 177 -5.70 -8.45 -11.00
N LEU A 178 -5.56 -9.00 -12.21
CA LEU A 178 -6.43 -10.09 -12.64
C LEU A 178 -6.23 -11.33 -11.76
N ASN A 179 -4.98 -11.60 -11.36
CA ASN A 179 -4.74 -12.74 -10.47
C ASN A 179 -5.36 -12.51 -9.11
N ALA A 180 -5.32 -11.27 -8.62
CA ALA A 180 -5.95 -10.98 -7.34
C ALA A 180 -7.44 -11.26 -7.39
N ILE A 181 -8.11 -10.86 -8.47
CA ILE A 181 -9.53 -11.15 -8.63
C ILE A 181 -9.76 -12.65 -8.70
N GLU A 182 -8.88 -13.39 -9.39
CA GLU A 182 -9.04 -14.84 -9.44
C GLU A 182 -8.90 -15.48 -8.05
N ALA A 183 -8.04 -14.92 -7.19
CA ALA A 183 -7.93 -15.43 -5.83
C ALA A 183 -9.13 -15.06 -4.98
N GLY A 184 -10.00 -14.18 -5.46
CA GLY A 184 -11.18 -13.81 -4.72
C GLY A 184 -11.12 -12.46 -4.02
N PHE A 185 -10.00 -11.75 -4.10
CA PHE A 185 -9.92 -10.42 -3.51
C PHE A 185 -11.04 -9.55 -4.05
N ASP A 186 -11.52 -8.64 -3.21
CA ASP A 186 -12.51 -7.67 -3.65
C ASP A 186 -11.92 -6.59 -4.53
N GLY A 187 -10.61 -6.39 -4.46
CA GLY A 187 -9.97 -5.37 -5.27
C GLY A 187 -8.48 -5.35 -4.98
N ILE A 188 -7.81 -4.35 -5.54
CA ILE A 188 -6.38 -4.17 -5.33
C ILE A 188 -6.12 -2.72 -4.98
N GLU A 189 -4.98 -2.50 -4.31
CA GLU A 189 -4.44 -1.17 -4.04
C GLU A 189 -3.11 -1.02 -4.75
N ILE A 190 -2.95 0.06 -5.51
CA ILE A 190 -1.66 0.36 -6.13
C ILE A 190 -0.76 1.04 -5.10
N HIS A 191 0.37 0.41 -4.76
CA HIS A 191 1.33 1.02 -3.83
C HIS A 191 2.14 2.04 -4.62
N GLY A 192 1.75 3.31 -4.53
CA GLY A 192 2.51 4.34 -5.19
C GLY A 192 3.20 5.28 -4.22
N ALA A 193 3.56 4.76 -3.05
CA ALA A 193 4.07 5.59 -1.96
C ALA A 193 5.49 5.18 -1.57
N HIS A 194 6.05 5.98 -0.65
CA HIS A 194 7.17 5.60 0.23
C HIS A 194 8.47 5.33 -0.52
N GLY A 195 8.69 6.01 -1.65
CA GLY A 195 9.97 5.89 -2.33
C GLY A 195 10.18 4.61 -3.11
N TYR A 196 9.13 3.82 -3.34
CA TYR A 196 9.23 2.59 -4.11
C TYR A 196 9.07 2.93 -5.61
N LEU A 197 8.81 1.95 -6.48
CA LEU A 197 9.01 2.18 -7.92
C LEU A 197 8.20 3.36 -8.44
N ILE A 198 6.90 3.39 -8.15
CA ILE A 198 6.07 4.45 -8.69
C ILE A 198 6.53 5.80 -8.15
N ASP A 199 6.90 5.85 -6.88
CA ASP A 199 7.32 7.12 -6.29
C ASP A 199 8.68 7.56 -6.86
N GLN A 200 9.50 6.61 -7.33
CA GLN A 200 10.75 6.93 -7.99
C GLN A 200 10.52 7.61 -9.34
N PHE A 201 9.35 7.44 -9.94
CA PHE A 201 8.98 8.23 -11.11
C PHE A 201 8.34 9.55 -10.71
N LEU A 202 7.55 9.56 -9.64
CA LEU A 202 6.81 10.76 -9.25
C LEU A 202 7.71 11.87 -8.76
N LYS A 203 8.69 11.53 -7.91
CA LYS A 203 9.39 12.52 -7.10
C LYS A 203 10.53 13.14 -7.90
N ASP A 204 10.57 14.48 -7.95
CA ASP A 204 11.64 15.08 -8.73
C ASP A 204 12.99 15.03 -8.03
N GLY A 205 13.02 14.60 -6.76
CA GLY A 205 14.27 14.26 -6.09
C GLY A 205 14.87 12.94 -6.52
N ILE A 206 14.13 12.11 -7.25
CA ILE A 206 14.63 10.84 -7.77
C ILE A 206 14.65 10.82 -9.28
N ASN A 207 13.55 11.20 -9.91
CA ASN A 207 13.38 11.07 -11.35
C ASN A 207 14.24 12.12 -12.05
N ASP A 208 15.40 11.70 -12.56
CA ASP A 208 16.28 12.57 -13.33
C ASP A 208 16.25 12.26 -14.82
N ARG A 209 15.14 11.70 -15.31
CA ARG A 209 15.05 11.29 -16.72
C ARG A 209 14.88 12.50 -17.63
N THR A 210 15.30 12.32 -18.88
CA THR A 210 15.15 13.36 -19.89
C THR A 210 14.30 12.88 -21.07
N ASP A 211 13.62 11.75 -20.94
CA ASP A 211 12.68 11.28 -21.94
C ASP A 211 11.26 11.67 -21.51
N GLU A 212 10.24 11.03 -22.11
CA GLU A 212 8.86 11.43 -21.90
C GLU A 212 8.35 11.10 -20.50
N TYR A 213 9.12 10.38 -19.68
CA TYR A 213 8.71 10.07 -18.32
C TYR A 213 9.41 10.92 -17.29
N GLY A 214 10.17 11.93 -17.71
CA GLY A 214 10.90 12.76 -16.79
C GLY A 214 10.76 14.24 -17.12
N GLY A 215 11.17 15.06 -16.16
CA GLY A 215 11.17 16.50 -16.30
C GLY A 215 9.93 17.12 -15.70
N SER A 216 8.95 17.38 -16.55
CA SER A 216 7.78 18.11 -16.13
C SER A 216 6.96 17.28 -15.15
N LEU A 217 6.11 17.97 -14.40
CA LEU A 217 5.18 17.30 -13.51
C LEU A 217 4.29 16.32 -14.28
N ALA A 218 3.80 16.72 -15.45
CA ALA A 218 2.99 15.83 -16.27
C ALA A 218 3.77 14.58 -16.64
N ASN A 219 5.03 14.75 -17.05
CA ASN A 219 5.86 13.61 -17.43
C ASN A 219 6.10 12.68 -16.25
N ARG A 220 6.34 13.25 -15.06
CA ARG A 220 6.57 12.42 -13.88
C ARG A 220 5.31 11.68 -13.43
N CYS A 221 4.13 12.17 -13.76
CA CYS A 221 2.90 11.47 -13.40
C CYS A 221 2.48 10.42 -14.42
N LYS A 222 3.21 10.28 -15.54
CA LYS A 222 2.78 9.37 -16.60
C LYS A 222 2.78 7.93 -16.11
N PHE A 223 3.81 7.51 -15.38
CA PHE A 223 3.89 6.10 -14.97
C PHE A 223 2.71 5.71 -14.09
N ILE A 224 2.43 6.48 -13.03
CA ILE A 224 1.30 6.10 -12.16
C ILE A 224 -0.02 6.15 -12.93
N THR A 225 -0.16 7.12 -13.85
CA THR A 225 -1.37 7.20 -14.66
C THR A 225 -1.56 5.94 -15.48
N GLN A 226 -0.48 5.47 -16.13
CA GLN A 226 -0.58 4.28 -16.97
C GLN A 226 -0.82 3.03 -16.13
N VAL A 227 -0.24 2.95 -14.93
CA VAL A 227 -0.51 1.80 -14.06
C VAL A 227 -1.98 1.77 -13.67
N VAL A 228 -2.51 2.90 -13.19
CA VAL A 228 -3.91 2.95 -12.80
C VAL A 228 -4.83 2.68 -13.99
N GLN A 229 -4.54 3.28 -15.15
CA GLN A 229 -5.38 3.01 -16.31
C GLN A 229 -5.40 1.53 -16.65
N ALA A 230 -4.25 0.85 -16.52
CA ALA A 230 -4.20 -0.54 -16.91
C ALA A 230 -5.04 -1.41 -15.97
N VAL A 231 -4.89 -1.20 -14.66
CA VAL A 231 -5.65 -2.04 -13.74
C VAL A 231 -7.14 -1.65 -13.77
N VAL A 232 -7.46 -0.37 -14.00
CA VAL A 232 -8.85 0.02 -14.15
C VAL A 232 -9.47 -0.69 -15.34
N SER A 233 -8.73 -0.74 -16.46
CA SER A 233 -9.28 -1.41 -17.64
C SER A 233 -9.46 -2.90 -17.39
N ALA A 234 -8.59 -3.51 -16.58
CA ALA A 234 -8.64 -4.96 -16.39
C ALA A 234 -9.75 -5.39 -15.42
N ILE A 235 -9.92 -4.70 -14.29
CA ILE A 235 -10.83 -5.17 -13.26
C ILE A 235 -11.88 -4.15 -12.86
N GLY A 236 -11.87 -2.95 -13.45
CA GLY A 236 -12.86 -1.93 -13.15
C GLY A 236 -12.41 -0.96 -12.07
N ALA A 237 -12.76 0.31 -12.21
CA ALA A 237 -12.26 1.33 -11.28
C ALA A 237 -12.76 1.08 -9.86
N ASP A 238 -13.97 0.53 -9.70
CA ASP A 238 -14.51 0.38 -8.36
C ASP A 238 -13.79 -0.70 -7.56
N ARG A 239 -12.88 -1.45 -8.18
CA ARG A 239 -12.06 -2.43 -7.48
CA ARG A 239 -12.07 -2.43 -7.48
C ARG A 239 -10.61 -1.99 -7.34
N VAL A 240 -10.33 -0.71 -7.55
CA VAL A 240 -8.96 -0.19 -7.57
C VAL A 240 -8.85 0.95 -6.55
N GLY A 241 -7.94 0.79 -5.59
CA GLY A 241 -7.52 1.87 -4.73
C GLY A 241 -6.09 2.30 -5.07
N VAL A 242 -5.72 3.54 -4.74
CA VAL A 242 -4.40 4.09 -5.06
C VAL A 242 -3.82 4.72 -3.81
N ARG A 243 -2.59 4.36 -3.46
CA ARG A 243 -1.92 4.89 -2.27
C ARG A 243 -0.71 5.71 -2.69
N VAL A 244 -0.62 6.95 -2.20
CA VAL A 244 0.52 7.82 -2.48
C VAL A 244 0.95 8.53 -1.20
N SER A 245 2.12 9.15 -1.25
CA SER A 245 2.68 9.84 -0.08
C SER A 245 3.57 10.98 -0.55
N PRO A 246 2.97 12.05 -1.08
CA PRO A 246 3.78 13.14 -1.65
C PRO A 246 4.67 13.84 -0.65
N ALA A 247 4.34 13.80 0.64
CA ALA A 247 5.07 14.54 1.66
C ALA A 247 5.98 13.66 2.50
N ILE A 248 6.13 12.39 2.16
CA ILE A 248 7.00 11.47 2.88
C ILE A 248 8.28 11.30 2.06
N ASP A 249 9.44 11.49 2.70
CA ASP A 249 10.73 11.53 2.01
C ASP A 249 11.54 10.23 2.16
N HIS A 250 10.89 9.12 2.49
CA HIS A 250 11.49 7.81 2.70
C HIS A 250 12.37 7.39 1.51
N LEU A 251 13.57 6.86 1.82
CA LEU A 251 14.50 6.36 0.80
C LEU A 251 14.86 7.43 -0.23
N ASP A 252 15.11 8.65 0.26
CA ASP A 252 15.53 9.79 -0.56
C ASP A 252 14.47 10.17 -1.58
N ALA A 253 13.21 10.10 -1.20
CA ALA A 253 12.11 10.34 -2.12
C ALA A 253 11.47 11.70 -1.86
N MET A 254 12.23 12.77 -2.05
CA MET A 254 11.71 14.11 -1.80
C MET A 254 11.25 14.74 -3.10
N ASP A 255 10.28 15.64 -2.99
CA ASP A 255 9.90 16.45 -4.13
C ASP A 255 9.96 17.91 -3.75
N SER A 256 10.34 18.74 -4.73
CA SER A 256 10.50 20.17 -4.49
C SER A 256 9.18 20.87 -4.17
N ASN A 257 8.04 20.30 -4.56
CA ASN A 257 6.73 20.90 -4.28
C ASN A 257 5.74 19.79 -4.00
N PRO A 258 5.77 19.22 -2.79
CA PRO A 258 4.91 18.06 -2.49
C PRO A 258 3.43 18.31 -2.73
N LEU A 259 2.92 19.49 -2.36
CA LEU A 259 1.49 19.73 -2.56
C LEU A 259 1.15 19.75 -4.04
N SER A 260 1.96 20.43 -4.87
CA SER A 260 1.68 20.45 -6.30
C SER A 260 1.78 19.06 -6.89
N LEU A 261 2.75 18.26 -6.44
CA LEU A 261 2.83 16.88 -6.92
C LEU A 261 1.57 16.10 -6.56
N GLY A 262 1.14 16.21 -5.31
CA GLY A 262 -0.08 15.50 -4.91
C GLY A 262 -1.30 15.96 -5.68
N LEU A 263 -1.43 17.27 -5.90
CA LEU A 263 -2.57 17.76 -6.67
C LEU A 263 -2.51 17.32 -8.13
N ALA A 264 -1.29 17.17 -8.67
CA ALA A 264 -1.16 16.67 -10.04
C ALA A 264 -1.63 15.22 -10.14
N VAL A 265 -1.23 14.38 -9.18
CA VAL A 265 -1.72 13.01 -9.15
C VAL A 265 -3.24 12.99 -8.99
N VAL A 266 -3.78 13.82 -8.09
CA VAL A 266 -5.22 13.81 -7.86
C VAL A 266 -5.97 14.20 -9.14
N GLU A 267 -5.46 15.21 -9.86
CA GLU A 267 -6.14 15.64 -11.07
C GLU A 267 -6.19 14.50 -12.09
N ARG A 268 -5.11 13.73 -12.18
CA ARG A 268 -5.10 12.62 -13.12
C ARG A 268 -6.04 11.51 -12.67
N LEU A 269 -6.12 11.23 -11.37
CA LEU A 269 -7.10 10.27 -10.89
C LEU A 269 -8.52 10.72 -11.24
N ASN A 270 -8.86 11.99 -11.00
CA ASN A 270 -10.17 12.51 -11.36
C ASN A 270 -10.45 12.32 -12.84
N LYS A 271 -9.44 12.55 -13.69
CA LYS A 271 -9.66 12.45 -15.13
C LYS A 271 -9.84 11.00 -15.56
N ILE A 272 -9.11 10.07 -14.96
CA ILE A 272 -9.30 8.66 -15.26
C ILE A 272 -10.72 8.25 -14.92
N GLN A 273 -11.23 8.69 -13.77
CA GLN A 273 -12.59 8.38 -13.37
C GLN A 273 -13.61 8.93 -14.36
N LEU A 274 -13.43 10.19 -14.76
CA LEU A 274 -14.38 10.76 -15.70
C LEU A 274 -14.32 10.05 -17.06
N HIS A 275 -13.13 9.69 -17.50
CA HIS A 275 -13.01 9.04 -18.81
C HIS A 275 -13.57 7.63 -18.78
N SER A 276 -13.33 6.90 -17.69
CA SER A 276 -13.81 5.53 -17.59
C SER A 276 -15.27 5.45 -17.19
N GLY A 277 -15.83 6.55 -16.68
CA GLY A 277 -17.21 6.56 -16.24
C GLY A 277 -17.46 5.90 -14.91
N SER A 278 -16.44 5.76 -14.07
CA SER A 278 -16.58 5.08 -12.80
C SER A 278 -15.55 5.62 -11.82
N LYS A 279 -15.92 5.63 -10.54
CA LYS A 279 -15.03 6.12 -9.50
C LYS A 279 -14.12 4.99 -9.00
N LEU A 280 -12.87 5.34 -8.68
CA LEU A 280 -11.98 4.42 -7.97
C LEU A 280 -12.61 4.05 -6.62
N ALA A 281 -12.14 2.94 -6.05
CA ALA A 281 -12.56 2.59 -4.70
C ALA A 281 -12.18 3.71 -3.73
N TYR A 282 -10.95 4.21 -3.82
CA TYR A 282 -10.51 5.26 -2.91
C TYR A 282 -9.14 5.77 -3.32
N LEU A 283 -8.78 6.89 -2.72
CA LEU A 283 -7.43 7.43 -2.65
C LEU A 283 -6.95 7.31 -1.21
N HIS A 284 -5.75 6.81 -1.02
CA HIS A 284 -5.19 6.49 0.29
C HIS A 284 -3.90 7.29 0.41
N VAL A 285 -3.81 8.20 1.38
CA VAL A 285 -2.61 9.02 1.51
C VAL A 285 -2.05 8.84 2.91
N THR A 286 -0.75 8.57 3.00
CA THR A 286 -0.06 8.54 4.27
C THR A 286 0.68 9.85 4.50
N GLN A 287 0.57 10.36 5.71
CA GLN A 287 1.22 11.61 6.05
C GLN A 287 2.38 11.35 6.99
N PRO A 288 3.38 12.22 6.99
CA PRO A 288 4.38 12.17 8.04
C PRO A 288 3.82 12.79 9.32
N ARG A 289 4.48 12.48 10.44
CA ARG A 289 4.06 13.06 11.71
C ARG A 289 5.16 13.96 12.29
N SER A 303 4.09 22.75 11.79
CA SER A 303 4.33 21.60 10.93
C SER A 303 3.18 20.58 11.03
N GLU A 304 2.70 20.34 12.25
CA GLU A 304 1.52 19.49 12.41
C GLU A 304 0.31 20.11 11.72
N GLU A 305 0.10 21.42 11.92
CA GLU A 305 -0.99 22.11 11.25
C GLU A 305 -0.75 22.18 9.74
N GLU A 306 0.50 22.37 9.32
CA GLU A 306 0.80 22.40 7.88
C GLU A 306 0.58 21.04 7.24
N GLU A 307 0.98 19.97 7.93
CA GLU A 307 0.78 18.63 7.39
C GLU A 307 -0.70 18.29 7.29
N ALA A 308 -1.49 18.70 8.29
CA ALA A 308 -2.93 18.47 8.23
C ALA A 308 -3.56 19.27 7.10
N ARG A 309 -3.06 20.50 6.86
CA ARG A 309 -3.65 21.30 5.80
C ARG A 309 -3.34 20.70 4.43
N LEU A 310 -2.16 20.12 4.27
CA LEU A 310 -1.84 19.52 2.98
C LEU A 310 -2.69 18.29 2.73
N MET A 311 -2.92 17.46 3.76
CA MET A 311 -3.80 16.31 3.60
C MET A 311 -5.22 16.73 3.25
N ARG A 312 -5.75 17.74 3.94
CA ARG A 312 -7.08 18.23 3.63
C ARG A 312 -7.15 18.81 2.23
N THR A 313 -6.07 19.44 1.77
CA THR A 313 -6.07 20.01 0.42
C THR A 313 -6.19 18.92 -0.63
N LEU A 314 -5.46 17.81 -0.44
CA LEU A 314 -5.57 16.67 -1.35
C LEU A 314 -6.97 16.07 -1.29
N ARG A 315 -7.50 15.90 -0.09
CA ARG A 315 -8.84 15.33 0.08
C ARG A 315 -9.88 16.17 -0.65
N ASN A 316 -9.84 17.49 -0.44
CA ASN A 316 -10.81 18.37 -1.08
C ASN A 316 -10.68 18.33 -2.60
N ALA A 317 -9.48 18.03 -3.09
CA ALA A 317 -9.25 18.04 -4.53
C ALA A 317 -9.72 16.76 -5.20
N TYR A 318 -9.89 15.69 -4.45
CA TYR A 318 -10.14 14.36 -5.02
C TYR A 318 -11.64 14.06 -5.05
N GLN A 319 -12.13 13.62 -6.21
CA GLN A 319 -13.55 13.28 -6.40
C GLN A 319 -13.79 11.84 -5.97
N GLY A 320 -13.86 11.62 -4.67
CA GLY A 320 -14.14 10.27 -4.19
C GLY A 320 -13.74 10.06 -2.74
N THR A 321 -13.64 8.78 -2.38
CA THR A 321 -13.34 8.33 -1.02
C THR A 321 -11.89 8.55 -0.65
N PHE A 322 -11.65 9.07 0.55
CA PHE A 322 -10.31 9.41 1.01
C PHE A 322 -10.00 8.63 2.28
N ILE A 323 -8.91 7.87 2.24
CA ILE A 323 -8.39 7.14 3.39
C ILE A 323 -7.13 7.85 3.87
N CYS A 324 -7.12 8.26 5.11
CA CYS A 324 -5.96 8.89 5.73
C CYS A 324 -5.20 7.89 6.60
N SER A 325 -3.88 8.06 6.68
CA SER A 325 -3.04 7.09 7.37
C SER A 325 -1.79 7.79 7.88
N GLY A 326 -1.27 7.29 8.99
CA GLY A 326 0.01 7.72 9.51
C GLY A 326 -0.10 8.31 10.91
N GLY A 327 0.21 7.51 11.92
CA GLY A 327 0.22 7.99 13.29
C GLY A 327 -1.15 8.18 13.88
N TYR A 328 -2.19 7.58 13.32
CA TYR A 328 -3.53 7.80 13.85
C TYR A 328 -3.74 7.02 15.14
N THR A 329 -4.57 7.59 15.99
CA THR A 329 -5.01 7.02 17.25
C THR A 329 -6.53 6.99 17.22
N ARG A 330 -7.14 6.45 18.28
CA ARG A 330 -8.59 6.49 18.36
C ARG A 330 -9.08 7.94 18.30
N GLU A 331 -8.44 8.82 19.08
CA GLU A 331 -8.88 10.21 19.14
C GLU A 331 -8.65 10.93 17.81
N LEU A 332 -7.48 10.74 17.19
CA LEU A 332 -7.22 11.41 15.92
C LEU A 332 -8.08 10.84 14.80
N GLY A 333 -8.41 9.55 14.87
CA GLY A 333 -9.28 8.97 13.86
C GLY A 333 -10.71 9.48 13.97
N ILE A 334 -11.21 9.56 15.20
CA ILE A 334 -12.54 10.14 15.41
C ILE A 334 -12.58 11.57 14.87
N GLU A 335 -11.55 12.37 15.19
CA GLU A 335 -11.56 13.76 14.72
C GLU A 335 -11.51 13.84 13.20
N ALA A 336 -10.70 13.00 12.56
CA ALA A 336 -10.58 13.05 11.10
C ALA A 336 -11.94 12.82 10.43
N VAL A 337 -12.68 11.82 10.90
CA VAL A 337 -13.98 11.57 10.29
C VAL A 337 -14.98 12.66 10.69
N ALA A 338 -14.99 13.06 11.97
CA ALA A 338 -15.93 14.07 12.42
C ALA A 338 -15.73 15.42 11.73
N GLN A 339 -14.47 15.80 11.46
CA GLN A 339 -14.21 17.08 10.80
C GLN A 339 -14.30 17.01 9.28
N GLY A 340 -14.58 15.85 8.70
CA GLY A 340 -14.64 15.71 7.26
C GLY A 340 -13.30 15.58 6.59
N ASP A 341 -12.22 15.41 7.35
CA ASP A 341 -10.88 15.32 6.79
C ASP A 341 -10.63 14.02 6.04
N ALA A 342 -11.40 12.98 6.35
CA ALA A 342 -11.24 11.69 5.69
C ALA A 342 -12.53 10.92 5.82
N ASP A 343 -12.72 9.96 4.93
CA ASP A 343 -13.86 9.06 5.04
C ASP A 343 -13.51 7.80 5.82
N LEU A 344 -12.30 7.28 5.66
CA LEU A 344 -11.85 6.10 6.36
C LEU A 344 -10.48 6.39 6.94
N VAL A 345 -10.13 5.68 8.02
CA VAL A 345 -8.85 5.86 8.69
C VAL A 345 -8.16 4.50 8.78
N SER A 346 -6.94 4.39 8.23
CA SER A 346 -6.22 3.13 8.35
C SER A 346 -5.20 3.19 9.48
N TYR A 347 -5.06 2.06 10.15
CA TYR A 347 -4.17 1.88 11.28
C TYR A 347 -3.19 0.77 10.96
N GLY A 348 -1.91 1.03 11.21
CA GLY A 348 -0.86 0.05 10.99
C GLY A 348 -0.45 -0.56 12.30
N ARG A 349 0.50 0.07 13.01
CA ARG A 349 1.14 -0.58 14.15
C ARG A 349 0.15 -0.99 15.22
N LEU A 350 -0.88 -0.18 15.49
CA LEU A 350 -1.84 -0.57 16.51
C LEU A 350 -2.60 -1.83 16.12
N PHE A 351 -2.75 -2.10 14.81
CA PHE A 351 -3.38 -3.33 14.37
C PHE A 351 -2.44 -4.53 14.49
N ILE A 352 -1.12 -4.30 14.49
CA ILE A 352 -0.19 -5.39 14.73
C ILE A 352 -0.44 -6.01 16.10
N SER A 353 -0.57 -5.16 17.12
CA SER A 353 -0.60 -5.65 18.50
C SER A 353 -2.01 -5.74 19.07
N ASN A 354 -3.03 -5.32 18.32
CA ASN A 354 -4.42 -5.42 18.77
C ASN A 354 -5.20 -6.07 17.65
N PRO A 355 -5.27 -7.40 17.64
CA PRO A 355 -6.06 -8.06 16.59
C PRO A 355 -7.48 -7.55 16.56
N ASP A 356 -8.05 -7.27 17.73
CA ASP A 356 -9.41 -6.75 17.85
C ASP A 356 -9.42 -5.23 18.00
N LEU A 357 -8.57 -4.54 17.22
CA LEU A 357 -8.49 -3.09 17.30
C LEU A 357 -9.85 -2.44 17.08
N VAL A 358 -10.64 -2.95 16.15
CA VAL A 358 -11.94 -2.33 15.88
C VAL A 358 -12.80 -2.36 17.13
N MET A 359 -12.90 -3.54 17.77
CA MET A 359 -13.69 -3.67 19.00
C MET A 359 -13.13 -2.80 20.12
N ARG A 360 -11.80 -2.73 20.24
CA ARG A 360 -11.22 -1.88 21.28
C ARG A 360 -11.56 -0.41 21.06
N ILE A 361 -11.50 0.04 19.81
CA ILE A 361 -11.86 1.41 19.51
C ILE A 361 -13.35 1.65 19.80
N LYS A 362 -14.19 0.67 19.47
CA LYS A 362 -15.62 0.79 19.76
C LYS A 362 -15.88 0.95 21.25
N LEU A 363 -15.23 0.13 22.06
CA LEU A 363 -15.47 0.11 23.50
C LEU A 363 -14.64 1.13 24.25
N ASN A 364 -13.74 1.84 23.56
CA ASN A 364 -12.70 2.65 24.17
C ASN A 364 -11.93 1.85 25.23
N ALA A 365 -11.57 0.63 24.85
CA ALA A 365 -10.77 -0.24 25.69
C ALA A 365 -9.29 0.08 25.51
N PRO A 366 -8.48 -0.10 26.55
CA PRO A 366 -7.04 0.19 26.41
C PRO A 366 -6.40 -0.67 25.33
N LEU A 367 -5.47 -0.06 24.61
CA LEU A 367 -4.75 -0.74 23.53
C LEU A 367 -3.45 -1.31 24.05
N ASN A 368 -3.01 -2.39 23.42
CA ASN A 368 -1.78 -3.06 23.82
C ASN A 368 -0.59 -2.62 22.97
N LYS A 369 0.58 -2.57 23.60
CA LYS A 369 1.77 -2.10 22.92
C LYS A 369 2.23 -3.10 21.85
N TYR A 370 2.97 -2.60 20.85
CA TYR A 370 3.54 -3.43 19.80
C TYR A 370 5.05 -3.56 19.99
N ASN A 371 5.57 -4.69 19.51
CA ASN A 371 7.03 -5.00 19.57
CA ASN A 371 7.04 -4.97 19.57
C ASN A 371 7.75 -4.99 18.18
N ALA A 372 8.38 -3.86 17.91
CA ALA A 372 8.99 -3.67 16.60
C ALA A 372 10.02 -4.75 16.27
N LYS A 373 10.61 -5.42 17.27
CA LYS A 373 11.60 -6.45 16.95
C LYS A 373 11.00 -7.59 16.15
N THR A 374 9.68 -7.82 16.25
CA THR A 374 9.07 -8.93 15.51
C THR A 374 8.17 -8.44 14.38
N PHE A 375 8.36 -7.19 13.95
CA PHE A 375 7.62 -6.72 12.79
C PHE A 375 7.96 -7.55 11.54
N TYR A 376 9.25 -7.87 11.34
CA TYR A 376 9.72 -8.45 10.08
C TYR A 376 10.38 -9.83 10.22
N THR A 377 10.18 -10.50 11.34
CA THR A 377 10.75 -11.83 11.54
C THR A 377 9.89 -12.88 10.83
N GLN A 378 10.36 -14.12 10.81
CA GLN A 378 9.70 -15.16 10.02
C GLN A 378 8.83 -16.09 10.86
N ASP A 379 8.81 -15.93 12.18
CA ASP A 379 8.08 -16.88 13.00
C ASP A 379 6.59 -16.80 12.69
N PRO A 380 5.92 -17.93 12.46
CA PRO A 380 4.49 -17.89 12.11
C PRO A 380 3.58 -17.48 13.27
N VAL A 381 4.09 -17.46 14.50
CA VAL A 381 3.28 -17.17 15.67
C VAL A 381 3.81 -15.95 16.44
N VAL A 382 5.09 -15.98 16.81
CA VAL A 382 5.63 -15.01 17.76
C VAL A 382 5.62 -13.61 17.16
N GLY A 383 4.92 -12.69 17.83
CA GLY A 383 4.83 -11.32 17.36
C GLY A 383 3.96 -11.16 16.13
N TYR A 384 3.15 -12.16 15.81
CA TYR A 384 2.36 -12.16 14.58
C TYR A 384 0.92 -12.49 14.93
N THR A 385 0.70 -13.68 15.48
CA THR A 385 -0.65 -14.08 15.85
C THR A 385 -0.83 -14.31 17.34
N ASP A 386 0.20 -14.06 18.17
CA ASP A 386 0.05 -14.32 19.60
C ASP A 386 -0.21 -13.07 20.41
N TYR A 387 -0.54 -11.95 19.77
CA TYR A 387 -1.04 -10.81 20.53
C TYR A 387 -2.47 -11.11 20.97
N PRO A 388 -2.79 -10.99 22.24
CA PRO A 388 -4.09 -11.45 22.73
C PRO A 388 -5.24 -10.51 22.37
N PHE A 389 -6.42 -11.11 22.32
CA PHE A 389 -7.68 -10.38 22.28
C PHE A 389 -8.00 -9.83 23.66
N LEU A 390 -8.96 -8.91 23.70
CA LEU A 390 -9.54 -8.49 24.97
C LEU A 390 -10.00 -9.70 25.76
N GLN A 391 -9.80 -9.66 27.07
CA GLN A 391 -10.11 -10.81 27.93
C GLN A 391 -11.59 -11.21 27.85
N1 FMN B . 2.73 0.58 3.85
C2 FMN B . 2.52 0.11 2.57
O2 FMN B . 1.94 0.85 1.76
N3 FMN B . 2.92 -1.15 2.22
C4 FMN B . 3.55 -1.99 3.11
O4 FMN B . 3.90 -3.12 2.77
C4A FMN B . 3.76 -1.52 4.40
N5 FMN B . 4.40 -2.30 5.34
C5A FMN B . 4.56 -1.86 6.63
C6 FMN B . 5.18 -2.69 7.56
C7 FMN B . 5.33 -2.26 8.86
C7M FMN B . 5.99 -3.13 9.90
C8 FMN B . 4.90 -0.98 9.22
C8M FMN B . 5.10 -0.49 10.62
C9 FMN B . 4.28 -0.16 8.28
C9A FMN B . 4.11 -0.60 6.98
N10 FMN B . 3.52 0.23 6.02
C10 FMN B . 3.33 -0.25 4.75
C1' FMN B . 3.00 1.59 6.38
C2' FMN B . 1.61 1.37 6.96
O2' FMN B . 0.72 0.98 5.93
C3' FMN B . 0.99 2.62 7.55
O3' FMN B . 1.00 3.68 6.61
C4' FMN B . 1.64 3.13 8.81
O4' FMN B . 2.07 2.07 9.64
C5' FMN B . 0.48 3.86 9.46
O5' FMN B . 0.94 4.49 10.58
P FMN B . 0.58 3.84 12.00
O1P FMN B . 1.49 2.63 12.13
O2P FMN B . -0.91 3.50 12.06
O3P FMN B . 0.97 4.87 13.04
PA NAP C . -4.39 6.38 -26.28
O1A NAP C . -3.87 4.84 -26.19
O2A NAP C . -5.63 6.51 -27.23
O5B NAP C . -4.80 6.89 -24.76
C5B NAP C . -3.87 6.85 -23.72
C4B NAP C . -4.62 6.58 -22.37
O4B NAP C . -5.33 7.65 -21.99
C3B NAP C . -5.66 5.43 -22.52
O3B NAP C . -5.76 4.78 -21.41
C2B NAP C . -7.01 6.23 -22.79
O2B NAP C . -8.09 5.38 -22.36
C1B NAP C . -6.92 7.24 -22.00
N9A NAP C . -7.62 8.44 -22.47
C8A NAP C . -7.89 8.79 -23.76
N7A NAP C . -8.51 9.97 -23.77
C5A NAP C . -8.66 10.39 -22.49
C6A NAP C . -9.24 11.54 -21.89
N6A NAP C . -9.84 12.55 -22.64
N1A NAP C . -9.20 11.65 -20.58
C2A NAP C . -8.63 10.67 -19.82
N3A NAP C . -8.08 9.58 -20.37
C4A NAP C . -8.07 9.41 -21.68
O3 NAP C . -3.21 7.28 -26.89
PN NAP C . -3.15 8.91 -26.60
O1N NAP C . -1.91 9.20 -25.70
O2N NAP C . -4.42 9.36 -25.90
O5D NAP C . -3.02 9.59 -27.86
P2B NAP C . -9.02 4.55 -23.48
O1X NAP C . -8.10 3.87 -24.49
O2X NAP C . -9.79 3.57 -22.68
O3X NAP C . -9.98 5.56 -24.19
S SO4 D . 7.40 4.14 6.41
O1 SO4 D . 6.07 4.16 6.97
O2 SO4 D . 8.37 4.15 7.46
O3 SO4 D . 7.56 2.96 5.61
O4 SO4 D . 7.59 5.30 5.57
#